data_7O1S
#
_entry.id   7O1S
#
_cell.length_a   51.270
_cell.length_b   79.700
_cell.length_c   86.110
_cell.angle_alpha   90.000
_cell.angle_beta   90.000
_cell.angle_gamma   90.000
#
_symmetry.space_group_name_H-M   'P 21 21 21'
#
loop_
_entity.id
_entity.type
_entity.pdbx_description
1 polymer '[FeFe] hydrogenase maturase subunit HydE'
2 non-polymer CYSTEINE
3 non-polymer 'FE (II) ION'
4 non-polymer 'CARBON MONOXIDE'
5 non-polymer 'CYANIDE ION'
6 non-polymer 'FE2/S2 (INORGANIC) CLUSTER'
7 non-polymer 'HYDROSULFURIC ACID'
8 non-polymer 'IRON/SULFUR CLUSTER'
9 non-polymer 3-[(3-CHOLAMIDOPROPYL)DIMETHYLAMMONIO]-1-PROPANESULFONATE
10 non-polymer S-ADENOSYL-L-HOMOCYSTEINE
11 non-polymer 'IODIDE ION'
12 water water
#
_entity_poly.entity_id   1
_entity_poly.type   'polypeptide(L)'
_entity_poly.pdbx_seq_one_letter_code
;MTGREILEKLERREFTREVLKEALSINDRGFNEALFKLADEIRRKYVGDEVHIRAIIEFSNVCRKNCLYCGLRRDNKNLK
RYRMTPEEIVERARLAVQFGAKTIVLQSGEDPYYMPDVISDIVKEIKKMGVAVTLSLGEWPREYYEKWKEAGADRYLLRH
ETANPVLHRKLRPDTSFENRLNCLLTLKELGYETGAGSMVGLPGQTIDDLVDDLLFLKEHDFDMVGIGPFIPHPDTPLAN
EKKGDFTLTLKMVALTRILLPDSNIPATTAMGTIVPGGREITLRCGANVIMPNWTPSPYRQLYQLYPGKICVFEKDTACI
PCVMKMIELLGRKPGRDWGGRKRVFETV
;
_entity_poly.pdbx_strand_id   A
#
# COMPACT_ATOMS: atom_id res chain seq x y z
N MET A 1 -24.39 1.72 20.14
CA MET A 1 -25.51 1.36 19.28
C MET A 1 -25.51 -0.12 18.96
N THR A 2 -26.65 -0.64 18.51
CA THR A 2 -26.66 -2.00 18.00
C THR A 2 -25.91 -2.06 16.68
N GLY A 3 -25.47 -3.27 16.33
CA GLY A 3 -24.79 -3.46 15.05
C GLY A 3 -25.68 -3.07 13.88
N ARG A 4 -26.96 -3.43 13.94
CA ARG A 4 -27.89 -3.07 12.88
C ARG A 4 -27.96 -1.56 12.71
N GLU A 5 -27.98 -0.82 13.82
CA GLU A 5 -28.07 0.63 13.77
C GLU A 5 -26.79 1.24 13.19
N ILE A 6 -25.63 0.65 13.49
CA ILE A 6 -24.38 1.13 12.92
C ILE A 6 -24.36 0.95 11.41
N LEU A 7 -24.76 -0.24 10.95
CA LEU A 7 -24.79 -0.51 9.52
C LEU A 7 -25.75 0.42 8.80
N GLU A 8 -26.88 0.72 9.42
CA GLU A 8 -27.83 1.65 8.83
C GLU A 8 -27.20 3.02 8.63
N LYS A 9 -26.42 3.48 9.62
CA LYS A 9 -25.78 4.78 9.49
C LYS A 9 -24.67 4.76 8.45
N LEU A 10 -23.90 3.66 8.40
CA LEU A 10 -22.90 3.52 7.35
C LEU A 10 -23.54 3.56 5.96
N GLU A 11 -24.70 2.93 5.80
CA GLU A 11 -25.35 2.95 4.50
C GLU A 11 -25.89 4.32 4.15
N ARG A 12 -26.24 5.12 5.16
CA ARG A 12 -26.68 6.50 4.95
C ARG A 12 -25.51 7.49 4.94
N ARG A 13 -24.28 7.00 5.02
CA ARG A 13 -23.09 7.85 4.91
C ARG A 13 -23.03 8.90 6.01
N GLU A 14 -23.44 8.51 7.21
CA GLU A 14 -23.33 9.36 8.39
C GLU A 14 -22.08 8.87 9.14
N PHE A 15 -20.93 9.41 8.74
CA PHE A 15 -19.62 8.91 9.14
C PHE A 15 -19.07 9.69 10.33
N THR A 16 -19.80 9.65 11.44
CA THR A 16 -19.34 10.33 12.64
C THR A 16 -18.24 9.51 13.32
N ARG A 17 -17.46 10.19 14.15
CA ARG A 17 -16.45 9.47 14.93
C ARG A 17 -17.07 8.32 15.71
N GLU A 18 -18.24 8.54 16.31
CA GLU A 18 -18.86 7.49 17.12
C GLU A 18 -19.25 6.29 16.26
N VAL A 19 -19.79 6.53 15.07
CA VAL A 19 -20.20 5.42 14.21
C VAL A 19 -18.98 4.58 13.83
N LEU A 20 -17.89 5.24 13.44
CA LEU A 20 -16.68 4.50 13.06
C LEU A 20 -16.09 3.77 14.26
N LYS A 21 -16.07 4.40 15.44
CA LYS A 21 -15.55 3.71 16.61
C LYS A 21 -16.40 2.51 16.98
N GLU A 22 -17.73 2.65 16.89
CA GLU A 22 -18.60 1.53 17.21
C GLU A 22 -18.41 0.39 16.21
N ALA A 23 -18.25 0.72 14.92
CA ALA A 23 -18.01 -0.30 13.92
C ALA A 23 -16.72 -1.08 14.21
N LEU A 24 -15.69 -0.38 14.69
CA LEU A 24 -14.43 -1.04 14.99
C LEU A 24 -14.44 -1.75 16.33
N SER A 25 -15.38 -1.41 17.22
CA SER A 25 -15.42 -2.01 18.54
C SER A 25 -16.33 -3.22 18.62
N ILE A 26 -17.36 -3.31 17.76
CA ILE A 26 -18.21 -4.48 17.74
C ILE A 26 -17.47 -5.65 17.11
N ASN A 27 -17.45 -6.79 17.79
CA ASN A 27 -16.76 -7.99 17.31
C ASN A 27 -17.72 -9.10 16.90
N ASP A 28 -19.03 -8.83 16.90
CA ASP A 28 -20.02 -9.83 16.55
C ASP A 28 -19.82 -10.31 15.12
N ARG A 29 -19.85 -11.64 14.93
CA ARG A 29 -19.63 -12.21 13.60
C ARG A 29 -20.68 -11.73 12.60
N GLY A 30 -21.95 -11.70 13.00
CA GLY A 30 -22.99 -11.25 12.10
C GLY A 30 -22.77 -9.81 11.64
N PHE A 31 -22.37 -8.93 12.55
CA PHE A 31 -22.07 -7.55 12.17
C PHE A 31 -20.90 -7.50 11.20
N ASN A 32 -19.81 -8.19 11.53
CA ASN A 32 -18.61 -8.13 10.69
C ASN A 32 -18.92 -8.59 9.27
N GLU A 33 -19.66 -9.69 9.14
CA GLU A 33 -19.96 -10.21 7.81
C GLU A 33 -20.84 -9.23 7.04
N ALA A 34 -21.79 -8.59 7.72
CA ALA A 34 -22.61 -7.58 7.05
C ALA A 34 -21.79 -6.37 6.63
N LEU A 35 -20.81 -5.97 7.45
CA LEU A 35 -19.92 -4.88 7.06
C LEU A 35 -19.10 -5.25 5.83
N PHE A 36 -18.55 -6.47 5.81
CA PHE A 36 -17.77 -6.91 4.66
C PHE A 36 -18.63 -6.99 3.41
N LYS A 37 -19.86 -7.49 3.54
CA LYS A 37 -20.77 -7.55 2.39
C LYS A 37 -21.07 -6.16 1.86
N LEU A 38 -21.31 -5.19 2.75
CA LEU A 38 -21.55 -3.82 2.32
C LEU A 38 -20.35 -3.24 1.56
N ALA A 39 -19.15 -3.43 2.09
CA ALA A 39 -17.96 -2.92 1.40
C ALA A 39 -17.77 -3.60 0.05
N ASP A 40 -17.99 -4.92 0.00
CA ASP A 40 -17.90 -5.65 -1.27
C ASP A 40 -18.88 -5.09 -2.28
N GLU A 41 -20.11 -4.79 -1.84
CA GLU A 41 -21.12 -4.25 -2.75
C GLU A 41 -20.75 -2.85 -3.23
N ILE A 42 -20.29 -2.01 -2.31
CA ILE A 42 -19.87 -0.66 -2.68
C ILE A 42 -18.71 -0.71 -3.68
N ARG A 43 -17.73 -1.57 -3.42
CA ARG A 43 -16.66 -1.80 -4.38
C ARG A 43 -17.20 -2.16 -5.76
N ARG A 44 -18.06 -3.17 -5.83
CA ARG A 44 -18.59 -3.56 -7.14
C ARG A 44 -19.31 -2.40 -7.82
N LYS A 45 -20.13 -1.64 -7.08
CA LYS A 45 -20.92 -0.59 -7.70
C LYS A 45 -20.06 0.54 -8.23
N TYR A 46 -19.00 0.91 -7.51
CA TYR A 46 -18.21 2.08 -7.85
C TYR A 46 -17.00 1.78 -8.72
N VAL A 47 -16.28 0.69 -8.46
CA VAL A 47 -15.06 0.38 -9.20
C VAL A 47 -15.15 -0.91 -10.01
N GLY A 48 -16.29 -1.62 -9.95
CA GLY A 48 -16.51 -2.77 -10.82
C GLY A 48 -15.71 -4.00 -10.41
N ASP A 49 -15.69 -4.98 -11.32
CA ASP A 49 -15.09 -6.28 -11.06
C ASP A 49 -13.64 -6.38 -11.53
N GLU A 50 -13.11 -5.34 -12.19
CA GLU A 50 -11.71 -5.37 -12.59
C GLU A 50 -10.80 -5.28 -11.36
N VAL A 51 -9.79 -6.14 -11.32
CA VAL A 51 -8.76 -6.10 -10.30
C VAL A 51 -7.49 -5.66 -11.00
N HIS A 52 -6.96 -4.50 -10.60
CA HIS A 52 -5.83 -3.90 -11.30
C HIS A 52 -4.54 -4.46 -10.76
N ILE A 53 -3.65 -4.82 -11.67
CA ILE A 53 -2.38 -5.46 -11.33
C ILE A 53 -1.28 -4.41 -11.38
N ARG A 54 -0.57 -4.24 -10.27
CA ARG A 54 0.56 -3.30 -10.20
C ARG A 54 1.79 -4.13 -9.89
N ALA A 55 2.70 -4.27 -10.86
CA ALA A 55 3.89 -5.09 -10.66
C ALA A 55 4.92 -4.29 -9.87
N ILE A 56 5.32 -4.80 -8.70
N ILE A 56 5.37 -4.80 -8.73
CA ILE A 56 6.27 -4.11 -7.84
CA ILE A 56 6.23 -4.05 -7.83
C ILE A 56 7.67 -4.61 -8.11
C ILE A 56 7.67 -4.58 -7.93
N ILE A 57 8.60 -3.69 -8.26
CA ILE A 57 10.02 -4.00 -8.29
C ILE A 57 10.62 -3.29 -7.08
N GLU A 58 11.08 -4.08 -6.10
CA GLU A 58 11.70 -3.57 -4.89
C GLU A 58 13.19 -3.50 -5.19
N PHE A 59 13.64 -2.34 -5.69
CA PHE A 59 14.91 -2.30 -6.41
C PHE A 59 16.12 -2.04 -5.51
N SER A 60 15.91 -1.64 -4.27
CA SER A 60 17.00 -1.45 -3.32
C SER A 60 16.45 -1.58 -1.92
N ASN A 61 17.20 -2.25 -1.04
CA ASN A 61 16.82 -2.35 0.36
C ASN A 61 17.72 -1.51 1.25
N VAL A 62 18.52 -0.61 0.65
CA VAL A 62 19.30 0.35 1.42
C VAL A 62 18.37 1.42 1.96
N CYS A 63 18.52 1.76 3.24
CA CYS A 63 17.69 2.81 3.81
C CYS A 63 18.47 3.68 4.79
N ARG A 64 18.25 4.99 4.70
CA ARG A 64 18.87 5.95 5.62
C ARG A 64 18.06 6.16 6.89
N LYS A 65 16.81 5.72 6.94
CA LYS A 65 15.96 5.92 8.11
C LYS A 65 16.01 4.70 9.01
N ASN A 66 15.39 4.83 10.19
CA ASN A 66 15.55 3.88 11.27
C ASN A 66 14.20 3.54 11.90
N CYS A 67 13.14 3.47 11.08
CA CYS A 67 11.80 3.19 11.61
C CYS A 67 11.81 1.92 12.46
N LEU A 68 11.15 2.00 13.62
CA LEU A 68 11.29 0.96 14.62
C LEU A 68 10.66 -0.37 14.20
N TYR A 69 9.69 -0.34 13.28
CA TYR A 69 8.99 -1.54 12.86
C TYR A 69 9.65 -2.25 11.68
N CYS A 70 10.56 -1.59 10.96
CA CYS A 70 10.94 -2.01 9.62
C CYS A 70 12.26 -2.78 9.61
N GLY A 71 12.24 -3.95 8.95
CA GLY A 71 13.45 -4.74 8.82
C GLY A 71 14.55 -4.08 8.00
N LEU A 72 14.21 -3.08 7.19
CA LEU A 72 15.23 -2.38 6.41
C LEU A 72 15.87 -1.22 7.18
N ARG A 73 15.44 -0.98 8.42
CA ARG A 73 15.96 0.15 9.20
C ARG A 73 17.49 0.13 9.22
N ARG A 74 18.09 1.33 9.22
CA ARG A 74 19.53 1.41 9.01
C ARG A 74 20.33 0.68 10.09
N ASP A 75 19.80 0.57 11.31
CA ASP A 75 20.54 -0.11 12.37
C ASP A 75 20.55 -1.62 12.23
N ASN A 76 19.80 -2.20 11.30
CA ASN A 76 19.80 -3.66 11.14
C ASN A 76 21.02 -4.09 10.33
N LYS A 77 22.04 -4.57 11.03
CA LYS A 77 23.25 -5.11 10.42
C LYS A 77 23.10 -6.55 9.95
N ASN A 78 21.99 -7.22 10.32
CA ASN A 78 21.78 -8.62 9.96
CA ASN A 78 21.75 -8.62 9.98
C ASN A 78 21.03 -8.79 8.65
N LEU A 79 21.34 -7.97 7.66
CA LEU A 79 20.65 -8.01 6.39
C LEU A 79 21.65 -7.69 5.29
N LYS A 80 21.69 -8.54 4.28
CA LYS A 80 22.50 -8.25 3.10
C LYS A 80 21.81 -7.16 2.30
N ARG A 81 22.50 -6.05 2.08
CA ARG A 81 21.95 -4.94 1.31
C ARG A 81 22.26 -5.12 -0.17
N TYR A 82 21.34 -4.66 -1.02
CA TYR A 82 21.51 -4.76 -2.46
C TYR A 82 20.96 -3.52 -3.15
N ARG A 83 21.45 -3.31 -4.37
CA ARG A 83 20.97 -2.26 -5.25
CA ARG A 83 20.96 -2.26 -5.25
C ARG A 83 20.94 -2.82 -6.66
N MET A 84 19.77 -2.79 -7.29
CA MET A 84 19.69 -3.14 -8.70
C MET A 84 20.25 -1.98 -9.53
N THR A 85 20.92 -2.31 -10.64
CA THR A 85 21.40 -1.25 -11.51
C THR A 85 20.23 -0.65 -12.28
N PRO A 86 20.39 0.57 -12.80
CA PRO A 86 19.31 1.14 -13.61
C PRO A 86 18.94 0.27 -14.79
N GLU A 87 19.93 -0.34 -15.45
CA GLU A 87 19.62 -1.22 -16.58
C GLU A 87 18.81 -2.43 -16.13
N GLU A 88 19.18 -3.04 -15.00
CA GLU A 88 18.42 -4.17 -14.48
C GLU A 88 16.99 -3.76 -14.18
N ILE A 89 16.80 -2.58 -13.61
CA ILE A 89 15.45 -2.15 -13.26
C ILE A 89 14.60 -1.96 -14.50
N VAL A 90 15.16 -1.26 -15.50
CA VAL A 90 14.41 -1.00 -16.74
C VAL A 90 14.08 -2.31 -17.44
N GLU A 91 15.05 -3.21 -17.53
CA GLU A 91 14.77 -4.46 -18.24
C GLU A 91 13.79 -5.33 -17.46
N ARG A 92 13.85 -5.26 -16.12
CA ARG A 92 12.88 -5.99 -15.31
C ARG A 92 11.48 -5.43 -15.49
N ALA A 93 11.36 -4.09 -15.54
CA ALA A 93 10.07 -3.47 -15.85
C ALA A 93 9.58 -3.89 -17.24
N ARG A 94 10.48 -3.91 -18.23
CA ARG A 94 10.09 -4.33 -19.58
C ARG A 94 9.53 -5.75 -19.54
N LEU A 95 10.14 -6.63 -18.75
CA LEU A 95 9.63 -8.00 -18.67
C LEU A 95 8.22 -8.01 -18.06
N ALA A 96 7.97 -7.17 -17.05
CA ALA A 96 6.62 -7.10 -16.49
C ALA A 96 5.60 -6.62 -17.52
N VAL A 97 5.95 -5.61 -18.32
CA VAL A 97 5.06 -5.13 -19.37
C VAL A 97 4.83 -6.23 -20.41
N GLN A 98 5.88 -6.97 -20.75
CA GLN A 98 5.71 -8.11 -21.64
C GLN A 98 4.75 -9.15 -21.05
N PHE A 99 4.71 -9.29 -19.71
CA PHE A 99 3.79 -10.20 -19.05
C PHE A 99 2.40 -9.61 -18.84
N GLY A 100 2.17 -8.37 -19.30
CA GLY A 100 0.84 -7.77 -19.24
C GLY A 100 0.62 -6.76 -18.14
N ALA A 101 1.65 -6.43 -17.37
CA ALA A 101 1.49 -5.42 -16.32
C ALA A 101 1.22 -4.06 -16.95
N LYS A 102 0.18 -3.37 -16.45
CA LYS A 102 -0.15 -2.04 -16.94
C LYS A 102 0.30 -0.92 -16.00
N THR A 103 0.73 -1.26 -14.79
CA THR A 103 1.40 -0.32 -13.89
C THR A 103 2.67 -0.98 -13.37
N ILE A 104 3.77 -0.21 -13.37
CA ILE A 104 5.01 -0.61 -12.72
C ILE A 104 5.17 0.23 -11.46
N VAL A 105 5.37 -0.43 -10.33
CA VAL A 105 5.63 0.23 -9.05
C VAL A 105 7.11 0.02 -8.73
N LEU A 106 7.83 1.13 -8.54
CA LEU A 106 9.21 1.07 -8.08
C LEU A 106 9.20 1.44 -6.61
N GLN A 107 9.64 0.53 -5.75
CA GLN A 107 9.68 0.77 -4.32
C GLN A 107 11.06 0.44 -3.77
N SER A 108 11.47 1.18 -2.75
CA SER A 108 12.79 0.96 -2.16
C SER A 108 12.82 1.52 -0.75
N GLY A 109 13.87 1.17 -0.04
CA GLY A 109 14.28 1.96 1.11
C GLY A 109 14.64 3.37 0.66
N GLU A 110 14.78 4.27 1.63
CA GLU A 110 15.20 5.63 1.31
C GLU A 110 16.71 5.59 1.03
N ASP A 111 17.03 5.21 -0.20
CA ASP A 111 18.41 4.99 -0.62
C ASP A 111 18.88 6.21 -1.39
N PRO A 112 19.78 7.03 -0.84
CA PRO A 112 20.20 8.27 -1.53
C PRO A 112 20.87 8.05 -2.88
N TYR A 113 21.40 6.85 -3.15
CA TYR A 113 22.25 6.66 -4.32
C TYR A 113 21.55 7.08 -5.62
N TYR A 114 20.27 6.77 -5.74
CA TYR A 114 19.50 7.01 -6.96
C TYR A 114 18.90 8.41 -7.05
N MET A 115 18.99 9.23 -6.00
CA MET A 115 18.08 10.36 -5.91
C MET A 115 18.78 11.66 -6.28
N PRO A 116 18.21 12.50 -7.15
CA PRO A 116 16.95 12.25 -7.86
C PRO A 116 17.15 11.76 -9.30
N ASP A 117 18.35 11.92 -9.84
CA ASP A 117 18.49 11.85 -11.29
C ASP A 117 18.42 10.44 -11.84
N VAL A 118 18.95 9.44 -11.12
CA VAL A 118 18.87 8.07 -11.63
C VAL A 118 17.43 7.61 -11.72
N ILE A 119 16.63 7.93 -10.69
CA ILE A 119 15.19 7.64 -10.73
C ILE A 119 14.55 8.28 -11.97
N SER A 120 14.84 9.56 -12.20
CA SER A 120 14.27 10.26 -13.36
C SER A 120 14.56 9.51 -14.66
N ASP A 121 15.83 9.09 -14.85
CA ASP A 121 16.18 8.39 -16.08
C ASP A 121 15.45 7.07 -16.19
N ILE A 122 15.34 6.32 -15.09
CA ILE A 122 14.62 5.05 -15.10
C ILE A 122 13.16 5.28 -15.47
N VAL A 123 12.53 6.27 -14.84
CA VAL A 123 11.11 6.56 -15.10
C VAL A 123 10.89 6.89 -16.56
N LYS A 124 11.76 7.74 -17.14
CA LYS A 124 11.63 8.09 -18.54
C LYS A 124 11.68 6.86 -19.43
N GLU A 125 12.57 5.92 -19.13
CA GLU A 125 12.68 4.73 -19.96
C GLU A 125 11.44 3.84 -19.84
N ILE A 126 10.93 3.67 -18.62
CA ILE A 126 9.75 2.84 -18.44
C ILE A 126 8.54 3.47 -19.08
N LYS A 127 8.41 4.80 -18.99
CA LYS A 127 7.26 5.49 -19.59
C LYS A 127 7.20 5.29 -21.10
N LYS A 128 8.35 5.06 -21.75
CA LYS A 128 8.33 4.78 -23.18
C LYS A 128 7.56 3.52 -23.52
N MET A 129 7.37 2.63 -22.54
N MET A 129 7.35 2.62 -22.57
CA MET A 129 6.66 1.36 -22.72
CA MET A 129 6.62 1.39 -22.87
C MET A 129 5.15 1.52 -22.70
C MET A 129 5.12 1.53 -22.73
N GLY A 130 4.63 2.72 -22.46
CA GLY A 130 3.20 2.97 -22.51
C GLY A 130 2.40 2.50 -21.32
N VAL A 131 3.02 2.46 -20.14
CA VAL A 131 2.39 1.99 -18.91
C VAL A 131 2.42 3.12 -17.88
N ALA A 132 1.65 2.92 -16.81
CA ALA A 132 1.68 3.84 -15.67
C ALA A 132 2.84 3.49 -14.75
N VAL A 133 3.43 4.52 -14.13
CA VAL A 133 4.54 4.35 -13.21
C VAL A 133 4.16 4.93 -11.87
N THR A 134 4.31 4.12 -10.82
CA THR A 134 4.06 4.54 -9.44
C THR A 134 5.38 4.45 -8.70
N LEU A 135 5.72 5.51 -7.96
CA LEU A 135 6.93 5.51 -7.15
C LEU A 135 6.55 5.34 -5.68
N SER A 136 7.40 4.63 -4.94
CA SER A 136 7.20 4.44 -3.50
C SER A 136 8.60 4.47 -2.88
N LEU A 137 9.15 5.68 -2.75
CA LEU A 137 10.55 5.86 -2.39
C LEU A 137 10.75 6.57 -1.07
N GLY A 138 9.68 6.94 -0.38
CA GLY A 138 9.79 7.63 0.90
C GLY A 138 9.71 9.14 0.76
N GLU A 139 10.32 9.80 1.74
CA GLU A 139 10.25 11.24 1.93
C GLU A 139 11.47 11.91 1.30
N TRP A 140 11.24 12.81 0.37
CA TRP A 140 12.29 13.51 -0.36
C TRP A 140 11.86 14.95 -0.55
N PRO A 141 12.79 15.84 -0.90
CA PRO A 141 12.42 17.25 -1.12
C PRO A 141 11.44 17.40 -2.27
N ARG A 142 10.67 18.48 -2.20
CA ARG A 142 9.74 18.81 -3.28
CA ARG A 142 9.74 18.80 -3.27
C ARG A 142 10.43 18.80 -4.63
N GLU A 143 11.66 19.32 -4.69
CA GLU A 143 12.41 19.36 -5.95
C GLU A 143 12.54 17.97 -6.57
N TYR A 144 12.74 16.94 -5.74
CA TYR A 144 12.86 15.58 -6.29
C TYR A 144 11.52 15.11 -6.82
N TYR A 145 10.45 15.27 -6.03
CA TYR A 145 9.12 14.92 -6.50
C TYR A 145 8.77 15.64 -7.80
N GLU A 146 9.18 16.91 -7.92
CA GLU A 146 8.94 17.66 -9.15
CA GLU A 146 8.94 17.66 -9.15
C GLU A 146 9.67 17.03 -10.33
N LYS A 147 10.94 16.70 -10.15
CA LYS A 147 11.71 16.09 -11.24
C LYS A 147 11.10 14.77 -11.67
N TRP A 148 10.63 13.96 -10.71
CA TRP A 148 10.08 12.67 -11.07
C TRP A 148 8.73 12.82 -11.79
N LYS A 149 7.97 13.85 -11.46
CA LYS A 149 6.72 14.09 -12.17
C LYS A 149 6.99 14.54 -13.61
N GLU A 150 7.96 15.44 -13.80
CA GLU A 150 8.33 15.86 -15.13
C GLU A 150 8.89 14.70 -15.96
N ALA A 151 9.57 13.76 -15.30
CA ALA A 151 10.07 12.57 -15.98
C ALA A 151 8.96 11.61 -16.38
N GLY A 152 7.75 11.80 -15.87
CA GLY A 152 6.60 11.01 -16.29
C GLY A 152 5.94 10.17 -15.22
N ALA A 153 6.39 10.16 -13.97
CA ALA A 153 5.75 9.34 -12.94
C ALA A 153 4.29 9.76 -12.78
N ASP A 154 3.42 8.76 -12.62
CA ASP A 154 1.98 8.99 -12.55
C ASP A 154 1.45 9.04 -11.12
N ARG A 155 2.00 8.20 -10.24
CA ARG A 155 1.43 7.99 -8.92
C ARG A 155 2.56 7.88 -7.92
N TYR A 156 2.23 8.11 -6.65
CA TYR A 156 3.21 8.01 -5.57
C TYR A 156 2.52 7.39 -4.37
N LEU A 157 3.09 6.31 -3.83
CA LEU A 157 2.53 5.65 -2.66
C LEU A 157 3.40 6.01 -1.46
N LEU A 158 2.84 6.76 -0.52
CA LEU A 158 3.53 7.17 0.71
C LEU A 158 2.57 6.92 1.87
N ARG A 159 2.55 5.69 2.36
CA ARG A 159 1.59 5.33 3.39
C ARG A 159 1.83 6.18 4.62
N HIS A 160 0.77 6.73 5.20
CA HIS A 160 0.96 7.66 6.32
C HIS A 160 1.31 6.95 7.63
N GLU A 161 1.18 5.62 7.66
CA GLU A 161 1.58 4.74 8.76
C GLU A 161 0.70 4.87 9.99
N THR A 162 0.65 6.05 10.59
CA THR A 162 -0.25 6.32 11.70
C THR A 162 -0.49 7.83 11.75
N ALA A 163 -1.75 8.20 11.95
CA ALA A 163 -2.14 9.60 12.02
C ALA A 163 -1.97 10.17 13.43
N ASN A 164 -1.53 9.37 14.39
CA ASN A 164 -1.27 9.86 15.73
C ASN A 164 0.14 10.47 15.75
N PRO A 165 0.26 11.79 15.92
CA PRO A 165 1.59 12.42 15.80
C PRO A 165 2.58 11.96 16.84
N VAL A 166 2.12 11.65 18.06
CA VAL A 166 3.04 11.20 19.10
C VAL A 166 3.57 9.81 18.77
N LEU A 167 2.67 8.89 18.42
CA LEU A 167 3.08 7.55 18.03
C LEU A 167 3.97 7.59 16.79
N HIS A 168 3.60 8.43 15.82
CA HIS A 168 4.37 8.52 14.58
C HIS A 168 5.81 8.88 14.86
N ARG A 169 6.04 9.89 15.69
CA ARG A 169 7.40 10.34 15.98
C ARG A 169 8.18 9.29 16.76
N LYS A 170 7.52 8.53 17.64
CA LYS A 170 8.22 7.51 18.39
CA LYS A 170 8.21 7.50 18.40
C LYS A 170 8.64 6.34 17.50
N LEU A 171 7.78 5.94 16.56
CA LEU A 171 8.08 4.82 15.69
C LEU A 171 8.98 5.21 14.53
N ARG A 172 9.04 6.49 14.19
CA ARG A 172 9.78 6.96 13.02
C ARG A 172 10.64 8.13 13.47
N PRO A 173 11.72 7.84 14.20
CA PRO A 173 12.45 8.91 14.92
C PRO A 173 13.20 9.88 14.04
N ASP A 174 13.35 9.61 12.75
CA ASP A 174 14.02 10.52 11.83
C ASP A 174 13.10 11.62 11.32
N THR A 175 11.80 11.52 11.58
CA THR A 175 10.85 12.39 10.92
C THR A 175 9.62 12.62 11.79
N SER A 176 8.46 12.87 11.16
CA SER A 176 7.27 13.22 11.92
C SER A 176 6.05 13.05 11.03
N PHE A 177 4.88 12.93 11.67
CA PHE A 177 3.63 12.92 10.92
C PHE A 177 3.46 14.22 10.14
N GLU A 178 3.87 15.35 10.74
CA GLU A 178 3.78 16.63 10.04
C GLU A 178 4.56 16.62 8.73
N ASN A 179 5.78 16.08 8.76
N ASN A 179 5.78 16.06 8.73
CA ASN A 179 6.57 15.94 7.53
CA ASN A 179 6.54 16.00 7.48
C ASN A 179 5.89 15.03 6.54
C ASN A 179 5.93 15.00 6.50
N ARG A 180 5.44 13.86 7.02
CA ARG A 180 4.80 12.88 6.14
C ARG A 180 3.60 13.48 5.44
N LEU A 181 2.76 14.19 6.20
CA LEU A 181 1.60 14.85 5.60
C LEU A 181 2.01 15.92 4.60
N ASN A 182 3.03 16.70 4.94
CA ASN A 182 3.50 17.71 3.99
C ASN A 182 3.95 17.06 2.68
N CYS A 183 4.63 15.91 2.76
CA CYS A 183 5.02 15.21 1.54
C CYS A 183 3.79 14.82 0.73
N LEU A 184 2.77 14.27 1.41
CA LEU A 184 1.55 13.85 0.72
C LEU A 184 0.84 15.04 0.07
N LEU A 185 0.74 16.17 0.78
CA LEU A 185 0.13 17.36 0.20
C LEU A 185 0.93 17.87 -1.01
N THR A 186 2.27 17.81 -0.92
CA THR A 186 3.11 18.23 -2.04
C THR A 186 2.89 17.32 -3.24
N LEU A 187 2.83 16.01 -3.00
CA LEU A 187 2.60 15.08 -4.09
C LEU A 187 1.28 15.38 -4.79
N LYS A 188 0.20 15.60 -4.02
CA LYS A 188 -1.09 15.95 -4.61
C LYS A 188 -1.00 17.24 -5.42
N GLU A 189 -0.33 18.26 -4.86
CA GLU A 189 -0.24 19.54 -5.54
C GLU A 189 0.50 19.44 -6.87
N LEU A 190 1.47 18.53 -6.95
CA LEU A 190 2.22 18.31 -8.18
C LEU A 190 1.45 17.49 -9.21
N GLY A 191 0.28 16.97 -8.87
CA GLY A 191 -0.53 16.24 -9.81
C GLY A 191 -0.37 14.73 -9.79
N TYR A 192 0.36 14.18 -8.82
CA TYR A 192 0.41 12.74 -8.67
C TYR A 192 -0.94 12.21 -8.21
N GLU A 193 -1.31 11.03 -8.69
CA GLU A 193 -2.29 10.22 -7.97
CA GLU A 193 -2.28 10.21 -7.98
C GLU A 193 -1.60 9.72 -6.71
N THR A 194 -2.16 10.05 -5.56
N THR A 194 -2.12 10.12 -5.55
CA THR A 194 -1.42 9.93 -4.31
CA THR A 194 -1.39 9.91 -4.31
C THR A 194 -2.05 8.88 -3.40
C THR A 194 -2.04 8.84 -3.45
N GLY A 195 -1.21 8.02 -2.84
CA GLY A 195 -1.66 6.95 -1.97
C GLY A 195 -1.12 7.10 -0.56
N ALA A 196 -2.01 6.91 0.41
CA ALA A 196 -1.62 6.92 1.82
C ALA A 196 -2.03 5.58 2.41
N GLY A 197 -2.33 5.53 3.69
CA GLY A 197 -2.70 4.28 4.32
C GLY A 197 -1.86 3.99 5.54
N SER A 198 -2.36 3.15 6.42
CA SER A 198 -1.76 2.95 7.73
C SER A 198 -1.50 1.47 7.97
N MET A 199 -0.72 1.21 9.00
CA MET A 199 -0.61 -0.12 9.57
C MET A 199 -1.58 -0.25 10.73
N VAL A 200 -2.07 -1.47 10.95
CA VAL A 200 -3.05 -1.77 11.98
C VAL A 200 -2.41 -2.70 13.00
N GLY A 201 -2.51 -2.33 14.28
CA GLY A 201 -1.94 -3.13 15.33
C GLY A 201 -0.54 -2.74 15.75
N LEU A 202 -0.10 -1.54 15.37
CA LEU A 202 1.17 -1.04 15.88
C LEU A 202 1.16 -1.01 17.41
N PRO A 203 2.31 -1.23 18.04
CA PRO A 203 2.39 -1.12 19.50
C PRO A 203 1.96 0.26 19.97
N GLY A 204 1.05 0.29 20.94
CA GLY A 204 0.55 1.54 21.48
C GLY A 204 -0.56 2.19 20.68
N GLN A 205 -0.96 1.60 19.56
CA GLN A 205 -2.02 2.15 18.73
C GLN A 205 -3.37 1.65 19.26
N THR A 206 -4.32 2.57 19.41
CA THR A 206 -5.62 2.26 19.99
C THR A 206 -6.69 2.26 18.91
N ILE A 207 -7.90 1.83 19.29
CA ILE A 207 -9.04 1.89 18.39
C ILE A 207 -9.34 3.33 18.00
N ASP A 208 -9.21 4.26 18.95
CA ASP A 208 -9.39 5.67 18.62
C ASP A 208 -8.38 6.13 17.56
N ASP A 209 -7.14 5.63 17.64
CA ASP A 209 -6.16 5.96 16.61
C ASP A 209 -6.62 5.47 15.24
N LEU A 210 -7.19 4.25 15.19
CA LEU A 210 -7.67 3.74 13.91
C LEU A 210 -8.80 4.60 13.37
N VAL A 211 -9.72 5.04 14.23
CA VAL A 211 -10.75 5.98 13.80
C VAL A 211 -10.12 7.22 13.19
N ASP A 212 -9.07 7.75 13.84
CA ASP A 212 -8.39 8.93 13.32
C ASP A 212 -7.77 8.66 11.96
N ASP A 213 -7.22 7.45 11.77
CA ASP A 213 -6.70 7.08 10.46
C ASP A 213 -7.78 7.13 9.40
N LEU A 214 -8.96 6.58 9.71
CA LEU A 214 -10.07 6.63 8.76
C LEU A 214 -10.50 8.07 8.45
N LEU A 215 -10.65 8.89 9.48
CA LEU A 215 -11.03 10.28 9.27
C LEU A 215 -9.96 11.04 8.49
N PHE A 216 -8.69 10.70 8.71
CA PHE A 216 -7.60 11.31 7.94
C PHE A 216 -7.72 10.95 6.47
N LEU A 217 -7.94 9.67 6.17
CA LEU A 217 -8.10 9.26 4.77
C LEU A 217 -9.29 9.94 4.13
N LYS A 218 -10.40 10.03 4.84
CA LYS A 218 -11.58 10.70 4.31
C LYS A 218 -11.31 12.18 4.06
N GLU A 219 -10.63 12.85 5.01
CA GLU A 219 -10.37 14.29 4.89
C GLU A 219 -9.62 14.64 3.62
N HIS A 220 -8.63 13.82 3.24
CA HIS A 220 -7.75 14.13 2.12
C HIS A 220 -8.14 13.44 0.82
N ASP A 221 -9.08 12.50 0.86
CA ASP A 221 -9.65 11.89 -0.35
C ASP A 221 -8.56 11.32 -1.25
N PHE A 222 -7.72 10.48 -0.65
CA PHE A 222 -6.59 9.92 -1.39
C PHE A 222 -7.06 9.04 -2.54
N ASP A 223 -6.24 9.00 -3.60
CA ASP A 223 -6.56 8.18 -4.76
C ASP A 223 -6.34 6.70 -4.47
N MET A 224 -5.36 6.37 -3.64
CA MET A 224 -5.10 5.00 -3.23
CA MET A 224 -5.10 5.01 -3.23
C MET A 224 -4.92 4.95 -1.73
N VAL A 225 -5.27 3.80 -1.14
CA VAL A 225 -5.09 3.60 0.31
C VAL A 225 -4.51 2.21 0.52
N GLY A 226 -3.29 2.13 1.02
CA GLY A 226 -2.65 0.86 1.32
C GLY A 226 -2.69 0.58 2.80
N ILE A 227 -3.38 -0.51 3.17
CA ILE A 227 -3.61 -0.86 4.56
C ILE A 227 -3.16 -2.29 4.80
N GLY A 228 -2.45 -2.52 5.89
CA GLY A 228 -2.08 -3.86 6.26
C GLY A 228 -1.78 -3.94 7.74
N PRO A 229 -1.62 -5.15 8.25
CA PRO A 229 -1.28 -5.33 9.67
C PRO A 229 0.19 -5.06 9.89
N PHE A 230 0.50 -4.62 11.11
CA PHE A 230 1.88 -4.61 11.57
C PHE A 230 2.35 -6.05 11.80
N ILE A 231 3.52 -6.38 11.27
CA ILE A 231 4.11 -7.71 11.43
C ILE A 231 5.49 -7.54 12.08
N PRO A 232 5.68 -8.02 13.31
CA PRO A 232 6.96 -7.78 14.00
CA PRO A 232 6.96 -7.78 14.00
C PRO A 232 8.11 -8.47 13.31
N HIS A 233 9.26 -7.81 13.29
CA HIS A 233 10.46 -8.31 12.66
C HIS A 233 11.50 -8.59 13.73
N PRO A 234 12.08 -9.79 13.77
CA PRO A 234 12.96 -10.15 14.89
C PRO A 234 14.20 -9.27 15.03
N ASP A 235 14.63 -8.60 13.96
CA ASP A 235 15.84 -7.78 14.02
C ASP A 235 15.53 -6.29 14.19
N THR A 236 14.44 -5.97 14.88
CA THR A 236 14.00 -4.60 15.12
C THR A 236 13.65 -4.44 16.59
N PRO A 237 13.54 -3.20 17.08
CA PRO A 237 13.16 -2.99 18.49
C PRO A 237 11.75 -3.47 18.82
N LEU A 238 10.91 -3.75 17.83
CA LEU A 238 9.55 -4.21 18.08
C LEU A 238 9.40 -5.71 17.93
N ALA A 239 10.52 -6.44 17.94
CA ALA A 239 10.52 -7.88 17.68
C ALA A 239 9.52 -8.64 18.56
N ASN A 240 9.37 -8.23 19.82
CA ASN A 240 8.55 -8.97 20.77
C ASN A 240 7.11 -8.46 20.88
N GLU A 241 6.71 -7.54 20.01
CA GLU A 241 5.36 -6.99 20.07
C GLU A 241 4.40 -7.90 19.31
N LYS A 242 3.11 -7.73 19.60
CA LYS A 242 2.09 -8.57 18.97
C LYS A 242 1.82 -8.11 17.55
N LYS A 243 1.58 -9.06 16.66
CA LYS A 243 1.23 -8.73 15.29
C LYS A 243 -0.18 -8.15 15.24
N GLY A 244 -0.44 -7.36 14.20
CA GLY A 244 -1.76 -6.81 14.01
C GLY A 244 -2.77 -7.90 13.73
N ASP A 245 -4.01 -7.67 14.16
CA ASP A 245 -5.08 -8.64 13.97
C ASP A 245 -5.63 -8.56 12.55
N PHE A 246 -5.75 -9.72 11.90
CA PHE A 246 -6.22 -9.74 10.51
C PHE A 246 -7.65 -9.22 10.38
N THR A 247 -8.56 -9.68 11.24
CA THR A 247 -9.95 -9.27 11.13
C THR A 247 -10.11 -7.76 11.34
N LEU A 248 -9.42 -7.20 12.34
CA LEU A 248 -9.48 -5.77 12.56
C LEU A 248 -8.92 -4.99 11.36
N THR A 249 -7.81 -5.46 10.79
CA THR A 249 -7.27 -4.84 9.58
C THR A 249 -8.26 -4.94 8.42
N LEU A 250 -8.91 -6.09 8.28
CA LEU A 250 -9.91 -6.27 7.22
C LEU A 250 -11.07 -5.30 7.40
N LYS A 251 -11.46 -5.03 8.64
CA LYS A 251 -12.51 -4.05 8.90
C LYS A 251 -12.05 -2.65 8.51
N MET A 252 -10.76 -2.34 8.70
CA MET A 252 -10.24 -1.06 8.23
C MET A 252 -10.29 -0.95 6.71
N VAL A 253 -9.96 -2.03 5.99
CA VAL A 253 -10.11 -2.01 4.53
C VAL A 253 -11.56 -1.77 4.15
N ALA A 254 -12.47 -2.48 4.80
CA ALA A 254 -13.89 -2.39 4.43
C ALA A 254 -14.43 -0.98 4.69
N LEU A 255 -14.12 -0.42 5.84
CA LEU A 255 -14.56 0.93 6.14
C LEU A 255 -13.91 1.95 5.22
N THR A 256 -12.66 1.74 4.81
CA THR A 256 -12.03 2.64 3.85
C THR A 256 -12.79 2.65 2.53
N ARG A 257 -13.18 1.47 2.03
CA ARG A 257 -14.00 1.40 0.82
C ARG A 257 -15.33 2.14 1.01
N ILE A 258 -15.97 1.95 2.16
CA ILE A 258 -17.25 2.60 2.41
C ILE A 258 -17.08 4.12 2.45
N LEU A 259 -15.98 4.59 3.05
CA LEU A 259 -15.72 6.02 3.16
C LEU A 259 -15.28 6.63 1.84
N LEU A 260 -14.50 5.89 1.05
CA LEU A 260 -13.87 6.40 -0.18
C LEU A 260 -14.25 5.46 -1.31
N PRO A 261 -15.51 5.51 -1.77
CA PRO A 261 -16.03 4.41 -2.60
C PRO A 261 -15.36 4.28 -3.95
N ASP A 262 -14.78 5.35 -4.51
CA ASP A 262 -14.15 5.27 -5.82
C ASP A 262 -12.63 5.18 -5.74
N SER A 263 -12.08 4.87 -4.57
CA SER A 263 -10.63 4.84 -4.44
C SER A 263 -10.07 3.50 -4.91
N ASN A 264 -8.77 3.49 -5.15
CA ASN A 264 -8.07 2.24 -5.44
C ASN A 264 -7.47 1.71 -4.15
N ILE A 265 -7.77 0.46 -3.83
CA ILE A 265 -7.43 -0.12 -2.53
C ILE A 265 -6.78 -1.48 -2.74
N PRO A 266 -5.48 -1.63 -2.50
CA PRO A 266 -4.86 -2.95 -2.68
C PRO A 266 -5.21 -3.92 -1.56
N ALA A 267 -5.20 -5.19 -1.93
CA ALA A 267 -5.12 -6.29 -0.97
C ALA A 267 -3.62 -6.52 -0.78
N THR A 268 -3.10 -6.01 0.33
CA THR A 268 -1.66 -5.86 0.51
C THR A 268 -0.93 -7.19 0.72
N THR A 269 0.37 -7.18 0.36
CA THR A 269 1.24 -8.33 0.64
C THR A 269 1.16 -8.71 2.11
N ALA A 270 1.13 -7.73 3.00
CA ALA A 270 1.07 -8.04 4.42
C ALA A 270 -0.19 -8.81 4.78
N MET A 271 -1.31 -8.50 4.09
CA MET A 271 -2.54 -9.25 4.33
C MET A 271 -2.39 -10.71 3.90
N GLY A 272 -1.66 -10.96 2.81
CA GLY A 272 -1.41 -12.33 2.39
C GLY A 272 -0.37 -13.03 3.25
N THR A 273 0.44 -12.28 3.97
CA THR A 273 1.47 -12.85 4.84
C THR A 273 0.89 -13.27 6.18
N ILE A 274 -0.03 -12.48 6.73
CA ILE A 274 -0.52 -12.72 8.08
C ILE A 274 -1.48 -13.92 8.14
N VAL A 275 -2.23 -14.18 7.07
CA VAL A 275 -3.21 -15.26 7.02
C VAL A 275 -3.11 -15.89 5.64
N PRO A 276 -3.02 -17.22 5.53
CA PRO A 276 -3.04 -17.85 4.20
C PRO A 276 -4.35 -17.54 3.49
N GLY A 277 -4.22 -17.03 2.26
CA GLY A 277 -5.40 -16.59 1.52
C GLY A 277 -5.90 -15.22 1.91
N GLY A 278 -5.10 -14.44 2.65
CA GLY A 278 -5.56 -13.15 3.15
C GLY A 278 -5.85 -12.14 2.06
N ARG A 279 -5.09 -12.16 0.95
CA ARG A 279 -5.35 -11.18 -0.10
C ARG A 279 -6.68 -11.46 -0.79
N GLU A 280 -6.97 -12.74 -1.02
CA GLU A 280 -8.22 -13.12 -1.67
C GLU A 280 -9.42 -12.69 -0.82
N ILE A 281 -9.34 -12.89 0.49
CA ILE A 281 -10.39 -12.39 1.38
C ILE A 281 -10.53 -10.88 1.24
N THR A 282 -9.39 -10.18 1.26
CA THR A 282 -9.43 -8.72 1.23
C THR A 282 -10.02 -8.20 -0.08
N LEU A 283 -9.74 -8.89 -1.20
CA LEU A 283 -10.35 -8.51 -2.47
C LEU A 283 -11.86 -8.69 -2.45
N ARG A 284 -12.39 -9.46 -1.51
CA ARG A 284 -13.83 -9.65 -1.40
C ARG A 284 -14.46 -8.81 -0.31
N CYS A 285 -13.69 -7.91 0.32
CA CYS A 285 -14.17 -7.08 1.40
C CYS A 285 -13.85 -5.61 1.15
N GLY A 286 -13.67 -5.23 -0.11
CA GLY A 286 -13.46 -3.83 -0.41
C GLY A 286 -12.29 -3.53 -1.33
N ALA A 287 -11.29 -4.41 -1.36
CA ALA A 287 -10.12 -4.14 -2.20
C ALA A 287 -10.39 -4.43 -3.66
N ASN A 288 -9.62 -3.74 -4.54
CA ASN A 288 -9.79 -3.90 -5.98
C ASN A 288 -8.45 -3.89 -6.73
N VAL A 289 -7.33 -3.96 -6.01
CA VAL A 289 -5.99 -3.88 -6.60
C VAL A 289 -5.15 -4.99 -5.98
N ILE A 290 -4.25 -5.57 -6.79
CA ILE A 290 -3.28 -6.52 -6.29
C ILE A 290 -1.91 -6.15 -6.85
N MET A 291 -0.86 -6.36 -6.07
CA MET A 291 0.48 -5.93 -6.45
CA MET A 291 0.48 -5.94 -6.44
C MET A 291 1.45 -7.12 -6.39
N PRO A 292 1.53 -7.91 -7.45
CA PRO A 292 2.41 -9.09 -7.45
C PRO A 292 3.87 -8.67 -7.34
N ASN A 293 4.66 -9.48 -6.64
CA ASN A 293 6.08 -9.25 -6.46
C ASN A 293 6.81 -9.52 -7.78
N TRP A 294 7.48 -8.50 -8.31
CA TRP A 294 8.27 -8.66 -9.53
C TRP A 294 9.76 -8.40 -9.29
N THR A 295 10.18 -8.45 -8.04
CA THR A 295 11.60 -8.31 -7.74
C THR A 295 12.33 -9.59 -8.13
N PRO A 296 13.45 -9.51 -8.82
CA PRO A 296 14.13 -10.73 -9.26
C PRO A 296 14.97 -11.34 -8.16
N SER A 297 15.19 -12.65 -8.27
CA SER A 297 16.26 -13.26 -7.49
C SER A 297 17.59 -12.69 -7.97
N PRO A 298 18.59 -12.61 -7.08
CA PRO A 298 18.59 -13.07 -5.69
C PRO A 298 18.16 -12.01 -4.69
N TYR A 299 17.60 -10.91 -5.17
CA TYR A 299 17.25 -9.78 -4.32
C TYR A 299 15.89 -9.94 -3.63
N ARG A 300 14.97 -10.68 -4.23
CA ARG A 300 13.62 -10.79 -3.67
C ARG A 300 13.65 -11.20 -2.21
N GLN A 301 14.50 -12.17 -1.87
CA GLN A 301 14.58 -12.68 -0.51
C GLN A 301 15.18 -11.69 0.47
N LEU A 302 15.80 -10.60 -0.02
CA LEU A 302 16.49 -9.64 0.84
C LEU A 302 15.65 -8.41 1.17
N TYR A 303 14.50 -8.24 0.54
CA TYR A 303 13.63 -7.10 0.82
C TYR A 303 12.70 -7.46 1.98
N GLN A 304 13.29 -7.50 3.17
CA GLN A 304 12.65 -8.08 4.36
C GLN A 304 12.06 -7.00 5.25
N LEU A 305 11.02 -6.33 4.75
CA LEU A 305 10.28 -5.40 5.61
C LEU A 305 9.79 -6.08 6.88
N TYR A 306 9.27 -7.29 6.73
CA TYR A 306 8.78 -8.13 7.83
C TYR A 306 9.03 -9.58 7.44
N PRO A 307 9.05 -10.49 8.40
CA PRO A 307 9.36 -11.89 8.10
C PRO A 307 8.16 -12.62 7.51
N GLY A 308 8.47 -13.74 6.85
CA GLY A 308 7.45 -14.58 6.24
C GLY A 308 6.82 -14.02 4.99
N LYS A 309 7.36 -12.94 4.43
CA LYS A 309 6.77 -12.29 3.27
C LYS A 309 6.57 -13.30 2.14
N ILE A 310 5.34 -13.35 1.63
CA ILE A 310 4.98 -14.38 0.65
C ILE A 310 5.75 -14.15 -0.66
N CYS A 311 5.79 -15.22 -1.47
N CYS A 311 5.72 -15.15 -1.55
CA CYS A 311 6.29 -15.24 -2.84
CA CYS A 311 6.32 -15.10 -2.91
C CYS A 311 7.81 -15.16 -2.93
C CYS A 311 7.83 -15.34 -2.96
N VAL A 312 8.51 -15.27 -1.81
CA VAL A 312 9.98 -15.22 -1.83
C VAL A 312 10.59 -16.46 -2.50
N PHE A 313 9.95 -17.62 -2.33
CA PHE A 313 10.51 -18.88 -2.83
C PHE A 313 10.04 -19.24 -4.23
N GLU A 314 9.27 -18.40 -4.89
CA GLU A 314 8.78 -18.72 -6.21
C GLU A 314 9.75 -18.22 -7.29
N LYS A 315 9.65 -18.82 -8.47
CA LYS A 315 10.36 -18.32 -9.64
C LYS A 315 10.02 -16.85 -9.82
N ASP A 316 10.96 -16.07 -10.33
CA ASP A 316 10.66 -14.64 -10.23
C ASP A 316 9.71 -14.12 -11.31
N THR A 317 9.27 -14.97 -12.25
CA THR A 317 8.16 -14.60 -13.13
C THR A 317 6.83 -15.19 -12.66
N ALA A 318 6.78 -15.77 -11.46
CA ALA A 318 5.60 -16.54 -11.06
C ALA A 318 4.42 -15.67 -10.67
N CYS A 319 4.67 -14.48 -10.12
CA CYS A 319 3.65 -13.72 -9.41
CA CYS A 319 3.61 -13.79 -9.41
C CYS A 319 2.59 -13.13 -10.34
N ILE A 320 2.97 -12.65 -11.53
CA ILE A 320 1.97 -12.10 -12.44
C ILE A 320 0.99 -13.18 -12.90
N PRO A 321 1.44 -14.32 -13.43
CA PRO A 321 0.47 -15.40 -13.73
C PRO A 321 -0.33 -15.84 -12.52
N CYS A 322 0.29 -15.87 -11.33
CA CYS A 322 -0.43 -16.32 -10.15
CA CYS A 322 -0.42 -16.31 -10.14
C CYS A 322 -1.60 -15.39 -9.82
N VAL A 323 -1.37 -14.07 -9.85
CA VAL A 323 -2.49 -13.17 -9.54
C VAL A 323 -3.55 -13.19 -10.65
N MET A 324 -3.16 -13.44 -11.89
CA MET A 324 -4.16 -13.57 -12.94
C MET A 324 -5.05 -14.79 -12.69
N LYS A 325 -4.46 -15.90 -12.25
CA LYS A 325 -5.26 -17.06 -11.85
C LYS A 325 -6.15 -16.72 -10.66
N MET A 326 -5.59 -15.97 -9.69
CA MET A 326 -6.36 -15.56 -8.52
C MET A 326 -7.59 -14.76 -8.91
N ILE A 327 -7.41 -13.76 -9.78
CA ILE A 327 -8.51 -12.92 -10.24
C ILE A 327 -9.58 -13.75 -10.92
N GLU A 328 -9.18 -14.72 -11.75
CA GLU A 328 -10.15 -15.59 -12.42
C GLU A 328 -10.90 -16.46 -11.43
N LEU A 329 -10.20 -17.09 -10.48
CA LEU A 329 -10.90 -17.97 -9.55
C LEU A 329 -11.81 -17.19 -8.60
N LEU A 330 -11.58 -15.90 -8.42
CA LEU A 330 -12.47 -15.03 -7.66
C LEU A 330 -13.68 -14.60 -8.47
N GLY A 331 -13.76 -14.98 -9.75
CA GLY A 331 -14.83 -14.51 -10.60
C GLY A 331 -14.71 -13.06 -10.99
N ARG A 332 -13.51 -12.49 -10.93
CA ARG A 332 -13.24 -11.10 -11.25
C ARG A 332 -12.59 -11.01 -12.64
N LYS A 333 -12.31 -9.78 -13.08
CA LYS A 333 -11.82 -9.52 -14.41
C LYS A 333 -10.47 -8.82 -14.40
N PRO A 334 -9.66 -9.04 -15.43
CA PRO A 334 -8.40 -8.29 -15.57
C PRO A 334 -8.67 -6.81 -15.81
N GLY A 335 -7.84 -5.97 -15.21
CA GLY A 335 -7.83 -4.56 -15.53
C GLY A 335 -7.51 -4.34 -17.00
N ARG A 336 -8.28 -3.50 -17.70
CA ARG A 336 -8.09 -3.31 -19.13
C ARG A 336 -7.24 -2.08 -19.47
N ASP A 337 -7.12 -1.12 -18.56
CA ASP A 337 -6.38 0.10 -18.81
C ASP A 337 -5.37 0.26 -17.67
N TRP A 338 -4.87 1.48 -17.47
CA TRP A 338 -3.93 1.71 -16.39
C TRP A 338 -4.57 1.64 -15.01
N GLY A 339 -5.90 1.60 -14.93
CA GLY A 339 -6.53 1.54 -13.62
C GLY A 339 -6.36 2.79 -12.79
N GLY A 340 -6.26 3.96 -13.42
CA GLY A 340 -6.26 5.20 -12.67
C GLY A 340 -7.61 5.42 -11.98
N ARG A 341 -7.61 6.27 -10.97
CA ARG A 341 -8.86 6.48 -10.25
C ARG A 341 -9.89 7.11 -11.18
N LYS A 342 -11.12 6.60 -11.10
CA LYS A 342 -12.26 7.11 -11.89
C LYS A 342 -13.24 7.75 -10.93
N ARG A 343 -13.09 9.07 -10.72
CA ARG A 343 -13.86 9.78 -9.72
C ARG A 343 -15.34 9.79 -10.08
N VAL A 344 -16.18 9.42 -9.13
CA VAL A 344 -17.61 9.58 -9.22
C VAL A 344 -17.97 10.73 -8.27
N PHE A 345 -18.27 11.89 -8.83
CA PHE A 345 -18.61 13.06 -8.01
C PHE A 345 -20.00 12.90 -7.43
N GLU A 346 -20.11 13.08 -6.11
CA GLU A 346 -21.37 12.89 -5.42
C GLU A 346 -21.85 14.16 -4.74
N THR A 347 -22.60 14.02 -3.66
CA THR A 347 -23.15 15.14 -2.91
C THR A 347 -22.59 15.15 -1.50
#